data_1YLT
#
_entry.id   1YLT
#
_cell.length_a   41.467
_cell.length_b   62.420
_cell.length_c   86.742
_cell.angle_alpha   90.00
_cell.angle_beta   90.00
_cell.angle_gamma   90.00
#
_symmetry.space_group_name_H-M   'P 21 21 21'
#
loop_
_entity.id
_entity.type
_entity.pdbx_description
1 polymer 'beta-lactamase CTX-M-14'
2 branched beta-D-fructofuranose-(2-1)-alpha-D-glucopyranose
3 non-polymer 'SULFATE ION'
4 water water
#
_entity_poly.entity_id   1
_entity_poly.type   'polypeptide(L)'
_entity_poly.pdbx_seq_one_letter_code
;QTSAVQQKLAALEKSSGGRLGVALIDTADNTQVLYRGDERFPMCSTSKVMAAAAVLKQSETQKQLLNQPVEIKPADLVNY
NPIAEKHVNGTMTLAELSAAALQYSDNTAMNKLIAQLGGPGGVTAFARAIGDETFRLDRTEPTLNTAIPGDPRDTTTPRA
MAQTLRQLTLGHALGETQRAQLVTWLKGNTTGAASIRAGLPTSWTVGDKTGSGDYGTTNDIAVIWPQGRAPLVLVTYFTQ
PQQNAESRRDVLASAARIIAEGL
;
_entity_poly.pdbx_strand_id   A
#
loop_
_chem_comp.id
_chem_comp.type
_chem_comp.name
_chem_comp.formula
FRU D-saccharide, beta linking beta-D-fructofuranose 'C6 H12 O6'
GLC D-saccharide, alpha linking alpha-D-glucopyranose 'C6 H12 O6'
SO4 non-polymer 'SULFATE ION' 'O4 S -2'
#
# COMPACT_ATOMS: atom_id res chain seq x y z
N GLN A 1 -28.46 1.29 -3.02
N GLN A 1 -27.45 3.50 -4.10
CA GLN A 1 -28.48 0.89 -4.40
CA GLN A 1 -27.85 2.45 -5.05
C GLN A 1 -27.11 0.48 -4.91
C GLN A 1 -26.68 1.60 -5.53
N THR A 2 -27.08 -0.51 -5.77
N THR A 2 -27.00 0.56 -6.28
CA THR A 2 -25.80 -0.87 -6.36
CA THR A 2 -25.94 -0.48 -6.47
C THR A 2 -25.73 -1.01 -7.86
C THR A 2 -25.78 -0.70 -7.95
N SER A 3 -24.56 -0.81 -8.41
CA SER A 3 -24.34 -0.98 -9.85
C SER A 3 -23.94 -2.44 -10.10
N ALA A 4 -23.92 -2.89 -11.36
CA ALA A 4 -23.47 -4.23 -11.64
C ALA A 4 -22.05 -4.46 -11.19
N VAL A 5 -21.18 -3.44 -11.20
CA VAL A 5 -19.82 -3.61 -10.69
C VAL A 5 -19.86 -3.94 -9.21
N GLN A 6 -20.58 -3.18 -8.44
CA GLN A 6 -20.74 -3.46 -7.01
C GLN A 6 -21.38 -4.81 -6.76
N GLN A 7 -22.34 -5.21 -7.56
CA GLN A 7 -22.95 -6.52 -7.37
C GLN A 7 -21.94 -7.63 -7.60
N LYS A 8 -21.11 -7.48 -8.63
CA LYS A 8 -20.06 -8.49 -8.87
C LYS A 8 -19.07 -8.56 -7.72
N LEU A 9 -18.71 -7.39 -7.20
CA LEU A 9 -17.80 -7.37 -6.03
C LEU A 9 -18.46 -8.00 -4.81
N ALA A 10 -19.77 -7.75 -4.59
CA ALA A 10 -20.47 -8.35 -3.46
C ALA A 10 -20.54 -9.85 -3.60
N ALA A 11 -20.75 -10.34 -4.83
CA ALA A 11 -20.80 -11.77 -5.03
C ALA A 11 -19.44 -12.42 -4.82
N LEU A 12 -18.38 -11.76 -5.26
CA LEU A 12 -17.03 -12.25 -5.00
C LEU A 12 -16.78 -12.28 -3.50
N GLU A 13 -17.17 -11.24 -2.78
CA GLU A 13 -17.02 -11.20 -1.31
C GLU A 13 -17.75 -12.37 -0.67
N LYS A 14 -18.99 -12.59 -1.06
CA LYS A 14 -19.79 -13.69 -0.49
C LYS A 14 -19.15 -15.01 -0.71
N SER A 15 -18.69 -15.25 -1.94
CA SER A 15 -18.12 -16.57 -2.19
CA SER A 15 -18.03 -16.49 -2.31
C SER A 15 -16.81 -16.75 -1.45
N SER A 16 -16.08 -15.69 -1.16
CA SER A 16 -14.82 -15.78 -0.48
C SER A 16 -14.90 -15.96 1.02
N GLY A 17 -16.04 -15.66 1.59
CA GLY A 17 -16.24 -15.74 3.02
C GLY A 17 -15.73 -14.61 3.86
N GLY A 18 -15.17 -13.60 3.27
CA GLY A 18 -14.49 -12.51 3.96
C GLY A 18 -15.18 -11.19 3.75
N ARG A 19 -14.45 -10.12 3.93
CA ARG A 19 -14.88 -8.74 3.87
C ARG A 19 -13.93 -8.01 2.90
N LEU A 20 -14.47 -7.50 1.82
CA LEU A 20 -13.76 -6.87 0.71
C LEU A 20 -14.02 -5.37 0.67
N GLY A 21 -12.96 -4.64 0.46
CA GLY A 21 -13.04 -3.17 0.31
C GLY A 21 -12.34 -2.77 -0.97
N VAL A 22 -13.00 -2.00 -1.81
CA VAL A 22 -12.47 -1.57 -3.10
C VAL A 22 -12.68 -0.08 -3.27
N ALA A 23 -11.71 0.60 -3.83
CA ALA A 23 -11.91 1.95 -4.35
C ALA A 23 -11.10 2.12 -5.65
N LEU A 24 -11.83 2.54 -6.66
CA LEU A 24 -11.27 2.86 -7.96
C LEU A 24 -11.47 4.34 -8.20
N ILE A 25 -10.41 5.03 -8.59
CA ILE A 25 -10.49 6.37 -9.09
C ILE A 25 -10.07 6.36 -10.58
N ASP A 26 -10.98 6.81 -11.42
CA ASP A 26 -10.71 6.97 -12.85
C ASP A 26 -10.33 8.44 -13.10
N THR A 27 -9.05 8.68 -13.40
CA THR A 27 -8.64 10.09 -13.50
C THR A 27 -9.09 10.72 -14.82
N ALA A 28 -9.65 9.97 -15.76
CA ALA A 28 -10.20 10.64 -16.96
C ALA A 28 -11.32 11.61 -16.56
N ASP A 29 -12.17 11.23 -15.60
CA ASP A 29 -13.32 12.05 -15.21
C ASP A 29 -13.49 12.21 -13.71
N ASN A 30 -12.57 11.73 -12.90
CA ASN A 30 -12.46 11.77 -11.46
C ASN A 30 -13.65 11.11 -10.79
N THR A 31 -14.18 10.11 -11.49
CA THR A 31 -15.22 9.30 -10.86
C THR A 31 -14.58 8.26 -9.96
N GLN A 32 -15.32 7.89 -8.95
CA GLN A 32 -14.95 6.79 -8.09
C GLN A 32 -15.97 5.67 -8.13
N VAL A 33 -15.52 4.46 -7.96
CA VAL A 33 -16.31 3.24 -7.82
C VAL A 33 -15.87 2.65 -6.48
N LEU A 34 -16.79 2.54 -5.52
CA LEU A 34 -16.44 2.08 -4.20
C LEU A 34 -17.25 0.82 -3.83
N TYR A 35 -16.63 -0.06 -3.04
CA TYR A 35 -17.29 -1.19 -2.40
C TYR A 35 -16.78 -1.22 -0.96
N ARG A 36 -17.65 -1.00 0.03
CA ARG A 36 -17.24 -0.79 1.41
C ARG A 36 -16.15 0.26 1.48
N GLY A 37 -16.30 1.35 0.71
CA GLY A 37 -15.20 2.28 0.54
C GLY A 37 -14.89 3.15 1.71
N ASP A 38 -15.83 3.27 2.66
CA ASP A 38 -15.61 4.07 3.89
C ASP A 38 -15.51 3.17 5.12
N GLU A 39 -15.35 1.87 4.98
CA GLU A 39 -15.08 0.97 6.07
C GLU A 39 -13.57 0.83 6.30
N ARG A 40 -13.15 0.71 7.56
CA ARG A 40 -11.75 0.54 7.90
C ARG A 40 -11.32 -0.90 7.69
N PHE A 41 -10.12 -1.04 7.21
CA PHE A 41 -9.41 -2.29 6.99
C PHE A 41 -7.99 -2.20 7.50
N PRO A 42 -7.42 -3.30 7.99
CA PRO A 42 -5.99 -3.32 8.40
C PRO A 42 -5.13 -3.18 7.15
N MET A 43 -4.23 -2.22 7.16
CA MET A 43 -3.36 -1.96 6.03
C MET A 43 -2.22 -2.97 5.77
N CYS A 44 -1.73 -3.55 6.86
CA CYS A 44 -0.51 -4.38 6.79
C CYS A 44 0.55 -3.67 5.98
N SER A 45 1.27 -4.35 5.09
CA SER A 45 2.41 -3.71 4.44
C SER A 45 2.02 -2.64 3.45
N THR A 46 0.73 -2.42 3.15
CA THR A 46 0.44 -1.30 2.27
C THR A 46 0.79 0.02 2.94
N SER A 47 0.92 0.05 4.26
CA SER A 47 1.40 1.23 4.99
C SER A 47 2.83 1.63 4.64
N LYS A 48 3.59 0.70 4.05
CA LYS A 48 4.98 1.06 3.70
C LYS A 48 5.01 2.17 2.66
N VAL A 49 3.99 2.34 1.83
CA VAL A 49 3.92 3.42 0.88
C VAL A 49 3.92 4.74 1.63
N MET A 50 3.10 4.89 2.66
CA MET A 50 3.03 6.17 3.39
CA MET A 50 3.06 6.15 3.40
C MET A 50 4.39 6.44 4.05
N ALA A 51 5.03 5.42 4.64
CA ALA A 51 6.32 5.64 5.28
C ALA A 51 7.37 6.09 4.26
N ALA A 52 7.47 5.41 3.10
CA ALA A 52 8.45 5.78 2.11
C ALA A 52 8.17 7.21 1.61
N ALA A 53 6.89 7.50 1.37
CA ALA A 53 6.53 8.82 0.89
C ALA A 53 6.90 9.89 1.91
N ALA A 54 6.75 9.60 3.19
CA ALA A 54 7.06 10.58 4.22
C ALA A 54 8.55 10.91 4.22
N VAL A 55 9.40 9.88 4.00
CA VAL A 55 10.82 10.10 3.88
C VAL A 55 11.13 10.89 2.61
N LEU A 56 10.48 10.55 1.49
CA LEU A 56 10.66 11.37 0.30
C LEU A 56 10.32 12.82 0.57
N LYS A 57 9.25 13.08 1.29
CA LYS A 57 8.91 14.47 1.62
C LYS A 57 10.01 15.14 2.41
N GLN A 58 10.53 14.47 3.44
CA GLN A 58 11.66 15.02 4.18
C GLN A 58 12.81 15.38 3.23
N SER A 59 13.08 14.54 2.23
CA SER A 59 14.23 14.74 1.33
C SER A 59 14.06 15.95 0.44
N GLU A 60 12.84 16.51 0.29
CA GLU A 60 12.65 17.69 -0.51
C GLU A 60 13.43 18.87 0.06
N THR A 61 13.63 18.90 1.38
CA THR A 61 14.39 20.00 2.02
C THR A 61 15.71 19.47 2.59
N GLN A 62 16.12 18.24 2.42
CA GLN A 62 17.45 17.67 2.75
C GLN A 62 17.78 16.83 1.55
N LYS A 63 18.36 17.47 0.56
N LYS A 63 18.21 17.38 0.40
CA LYS A 63 18.76 17.01 -0.75
CA LYS A 63 18.43 16.62 -0.84
C LYS A 63 19.45 15.68 -0.83
C LYS A 63 19.36 15.44 -0.82
N GLN A 64 20.36 15.34 0.02
CA GLN A 64 21.06 14.07 0.04
CA GLN A 64 21.08 14.06 0.05
C GLN A 64 20.49 13.09 1.07
N LEU A 65 19.32 13.32 1.67
CA LEU A 65 18.79 12.48 2.74
C LEU A 65 18.66 11.02 2.27
N LEU A 66 18.20 10.84 1.03
CA LEU A 66 18.01 9.49 0.56
C LEU A 66 19.31 8.73 0.48
N ASN A 67 20.42 9.44 0.37
CA ASN A 67 21.69 8.72 0.23
C ASN A 67 22.41 8.53 1.57
N GLN A 68 21.77 8.90 2.66
CA GLN A 68 22.36 8.77 4.01
C GLN A 68 22.46 7.31 4.43
N PRO A 69 23.65 6.78 4.70
CA PRO A 69 23.69 5.38 5.18
C PRO A 69 23.13 5.25 6.59
N VAL A 70 22.40 4.22 6.82
CA VAL A 70 21.87 3.83 8.12
C VAL A 70 22.41 2.50 8.54
N GLU A 71 22.97 2.38 9.76
CA GLU A 71 23.50 1.09 10.18
CA GLU A 71 23.49 1.13 10.28
C GLU A 71 22.40 0.08 10.42
N ILE A 72 22.70 -1.15 10.01
CA ILE A 72 21.83 -2.30 10.29
C ILE A 72 22.57 -3.20 11.27
N LYS A 73 22.05 -3.28 12.48
CA LYS A 73 22.61 -4.09 13.55
CA LYS A 73 22.64 -4.11 13.53
C LYS A 73 21.96 -5.46 13.57
N PRO A 74 22.62 -6.50 14.06
CA PRO A 74 21.97 -7.81 14.16
C PRO A 74 20.60 -7.73 14.85
N ALA A 75 20.51 -6.92 15.91
CA ALA A 75 19.26 -6.85 16.68
C ALA A 75 18.14 -6.15 15.95
N ASP A 76 18.42 -5.49 14.84
CA ASP A 76 17.36 -4.82 14.12
C ASP A 76 16.48 -5.77 13.32
N LEU A 77 16.96 -7.00 13.08
CA LEU A 77 16.17 -7.89 12.25
C LEU A 77 14.94 -8.43 12.98
N VAL A 78 13.82 -8.42 12.26
CA VAL A 78 12.51 -8.88 12.70
C VAL A 78 12.18 -10.15 11.94
N ASN A 79 10.91 -10.33 11.50
CA ASN A 79 10.46 -11.63 11.02
C ASN A 79 10.64 -11.89 9.53
N TYR A 80 10.94 -10.85 8.72
CA TYR A 80 11.05 -10.97 7.29
C TYR A 80 11.93 -9.85 6.75
N ASN A 81 13.18 -10.23 6.51
CA ASN A 81 14.27 -9.30 6.24
C ASN A 81 15.07 -9.71 5.02
N PRO A 82 14.42 -9.90 3.86
CA PRO A 82 15.13 -10.48 2.72
C PRO A 82 16.30 -9.63 2.21
N ILE A 83 16.21 -8.34 2.36
CA ILE A 83 17.31 -7.43 1.93
C ILE A 83 18.19 -7.01 3.10
N ALA A 84 17.54 -6.62 4.22
CA ALA A 84 18.33 -6.14 5.35
C ALA A 84 19.29 -7.17 5.86
N GLU A 85 18.94 -8.46 5.78
CA GLU A 85 19.87 -9.49 6.31
C GLU A 85 21.22 -9.49 5.61
N LYS A 86 21.27 -8.99 4.41
CA LYS A 86 22.47 -8.92 3.62
C LYS A 86 23.39 -7.82 4.14
N HIS A 87 22.92 -6.94 4.97
CA HIS A 87 23.63 -5.75 5.42
C HIS A 87 23.83 -5.64 6.91
N VAL A 88 23.66 -6.75 7.61
CA VAL A 88 23.90 -6.75 9.05
C VAL A 88 25.37 -6.46 9.31
N ASN A 89 25.59 -5.60 10.28
CA ASN A 89 26.89 -4.97 10.57
C ASN A 89 27.42 -4.14 9.42
N GLY A 90 26.53 -3.77 8.52
CA GLY A 90 26.78 -2.87 7.44
C GLY A 90 25.78 -1.74 7.46
N THR A 91 25.42 -1.25 6.29
CA THR A 91 24.55 -0.11 6.17
C THR A 91 23.61 -0.30 4.97
N MET A 92 22.52 0.45 5.05
CA MET A 92 21.65 0.68 3.92
C MET A 92 21.26 2.14 3.92
N THR A 93 21.26 2.79 2.76
CA THR A 93 20.81 4.18 2.70
C THR A 93 19.30 4.24 2.82
N LEU A 94 18.77 5.43 3.06
CA LEU A 94 17.32 5.54 3.13
C LEU A 94 16.68 5.19 1.79
N ALA A 95 17.31 5.45 0.66
CA ALA A 95 16.82 4.99 -0.62
C ALA A 95 16.83 3.45 -0.69
N GLU A 96 17.89 2.84 -0.25
CA GLU A 96 17.97 1.38 -0.29
C GLU A 96 16.90 0.80 0.64
N LEU A 97 16.67 1.43 1.80
CA LEU A 97 15.64 0.96 2.74
C LEU A 97 14.27 1.09 2.11
N SER A 98 14.04 2.20 1.44
CA SER A 98 12.72 2.45 0.82
C SER A 98 12.49 1.42 -0.29
N ALA A 99 13.50 1.16 -1.12
CA ALA A 99 13.38 0.17 -2.17
C ALA A 99 13.09 -1.22 -1.57
N ALA A 100 13.81 -1.57 -0.53
CA ALA A 100 13.60 -2.90 0.09
C ALA A 100 12.22 -3.00 0.68
N ALA A 101 11.76 -1.98 1.39
CA ALA A 101 10.43 -1.99 2.00
C ALA A 101 9.37 -2.12 0.90
N LEU A 102 9.47 -1.31 -0.15
CA LEU A 102 8.44 -1.26 -1.16
C LEU A 102 8.50 -2.43 -2.09
N GLN A 103 9.67 -2.84 -2.55
CA GLN A 103 9.76 -3.81 -3.65
C GLN A 103 9.89 -5.22 -3.18
N TYR A 104 10.35 -5.46 -1.97
CA TYR A 104 10.45 -6.78 -1.37
C TYR A 104 9.60 -6.95 -0.11
N SER A 105 9.00 -5.87 0.38
CA SER A 105 8.23 -5.90 1.61
C SER A 105 9.08 -6.29 2.84
N ASP A 106 10.31 -5.79 2.85
CA ASP A 106 11.23 -6.04 3.96
C ASP A 106 10.76 -5.28 5.19
N ASN A 107 10.56 -6.02 6.30
CA ASN A 107 10.01 -5.42 7.53
C ASN A 107 11.06 -4.72 8.36
N THR A 108 12.30 -5.15 8.31
CA THR A 108 13.38 -4.36 8.97
C THR A 108 13.50 -3.02 8.28
N ALA A 109 13.45 -2.99 6.97
CA ALA A 109 13.52 -1.74 6.24
C ALA A 109 12.40 -0.82 6.63
N MET A 110 11.17 -1.31 6.75
CA MET A 110 10.06 -0.49 7.23
C MET A 110 10.36 0.06 8.64
N ASN A 111 10.83 -0.78 9.54
CA ASN A 111 11.13 -0.27 10.89
C ASN A 111 12.19 0.86 10.88
N LYS A 112 13.13 0.83 9.95
CA LYS A 112 14.10 1.92 9.81
C LYS A 112 13.43 3.15 9.28
N LEU A 113 12.48 3.03 8.34
CA LEU A 113 11.79 4.19 7.84
C LEU A 113 10.97 4.81 8.98
N ILE A 114 10.29 4.00 9.75
CA ILE A 114 9.50 4.52 10.87
C ILE A 114 10.41 5.26 11.83
N ALA A 115 11.58 4.66 12.13
CA ALA A 115 12.51 5.33 13.05
C ALA A 115 12.97 6.68 12.53
N GLN A 116 13.26 6.78 11.24
CA GLN A 116 13.62 8.01 10.59
C GLN A 116 12.56 9.08 10.78
N LEU A 117 11.31 8.69 10.81
CA LEU A 117 10.17 9.60 10.97
C LEU A 117 9.78 9.85 12.41
N GLY A 118 10.52 9.27 13.37
CA GLY A 118 10.27 9.49 14.76
C GLY A 118 9.25 8.57 15.39
N GLY A 119 8.84 7.52 14.74
CA GLY A 119 7.89 6.57 15.27
C GLY A 119 6.64 6.54 14.40
N PRO A 120 5.76 5.58 14.70
CA PRO A 120 4.54 5.46 13.88
C PRO A 120 3.78 6.76 13.74
N GLY A 121 3.71 7.59 14.78
CA GLY A 121 2.99 8.85 14.69
C GLY A 121 3.60 9.80 13.69
N GLY A 122 4.85 9.66 13.39
CA GLY A 122 5.45 10.47 12.32
C GLY A 122 4.89 10.13 10.95
N VAL A 123 4.57 8.86 10.72
CA VAL A 123 3.93 8.44 9.48
C VAL A 123 2.52 9.01 9.43
N THR A 124 1.76 8.88 10.53
CA THR A 124 0.46 9.46 10.55
C THR A 124 0.45 10.96 10.32
N ALA A 125 1.44 11.64 10.92
CA ALA A 125 1.52 13.08 10.80
C ALA A 125 1.74 13.52 9.32
N PHE A 126 2.54 12.72 8.60
CA PHE A 126 2.73 13.02 7.16
C PHE A 126 1.41 12.84 6.44
N ALA A 127 0.68 11.77 6.74
CA ALA A 127 -0.63 11.53 6.14
C ALA A 127 -1.51 12.75 6.30
N ARG A 128 -1.58 13.26 7.54
CA ARG A 128 -2.43 14.44 7.78
C ARG A 128 -1.96 15.63 6.97
N ALA A 129 -0.63 15.79 6.85
CA ALA A 129 -0.08 16.92 6.09
C ALA A 129 -0.42 16.87 4.63
N ILE A 130 -0.67 15.71 4.07
CA ILE A 130 -1.07 15.61 2.68
C ILE A 130 -2.58 15.39 2.55
N GLY A 131 -3.33 15.66 3.60
CA GLY A 131 -4.78 15.68 3.49
C GLY A 131 -5.44 14.33 3.70
N ASP A 132 -4.70 13.32 4.17
CA ASP A 132 -5.29 12.04 4.47
C ASP A 132 -5.70 12.08 5.92
N GLU A 133 -6.98 12.11 6.16
CA GLU A 133 -7.50 12.34 7.51
C GLU A 133 -7.91 11.01 8.14
N THR A 134 -7.70 9.92 7.45
CA THR A 134 -8.13 8.59 7.83
C THR A 134 -7.07 7.61 8.25
N PHE A 135 -5.99 7.56 7.54
CA PHE A 135 -4.88 6.70 7.86
C PHE A 135 -4.47 6.85 9.30
N ARG A 136 -4.12 5.74 9.93
CA ARG A 136 -3.42 5.79 11.22
C ARG A 136 -2.43 4.64 11.26
N LEU A 137 -1.19 4.94 11.67
CA LEU A 137 -0.19 3.92 11.96
C LEU A 137 0.10 4.03 13.48
N ASP A 138 -0.11 2.92 14.15
CA ASP A 138 -0.05 2.80 15.60
C ASP A 138 1.16 2.04 16.07
N ARG A 139 1.56 1.05 15.30
CA ARG A 139 2.57 0.07 15.68
C ARG A 139 3.64 -0.08 14.61
N THR A 140 4.73 -0.72 15.01
CA THR A 140 5.83 -1.07 14.17
C THR A 140 5.71 -2.50 13.63
N GLU A 141 6.68 -2.94 12.85
CA GLU A 141 6.71 -4.33 12.41
C GLU A 141 7.27 -5.26 13.44
N PRO A 142 6.68 -6.42 13.68
CA PRO A 142 5.55 -7.00 12.98
C PRO A 142 4.16 -6.84 13.50
N THR A 143 4.03 -6.21 14.66
CA THR A 143 2.75 -6.19 15.33
C THR A 143 1.68 -5.37 14.62
N LEU A 144 2.06 -4.51 13.67
CA LEU A 144 1.03 -3.77 12.94
C LEU A 144 0.16 -4.66 12.05
N ASN A 145 0.51 -5.95 11.92
CA ASN A 145 -0.22 -6.88 11.08
C ASN A 145 -1.21 -7.76 11.82
N THR A 146 -1.51 -7.49 13.09
CA THR A 146 -2.42 -8.37 13.82
C THR A 146 -3.83 -8.40 13.26
N ALA A 147 -4.30 -7.32 12.66
CA ALA A 147 -5.48 -7.32 11.81
C ALA A 147 -6.75 -7.84 12.53
N ILE A 148 -6.88 -7.53 13.81
CA ILE A 148 -8.02 -8.07 14.61
C ILE A 148 -9.32 -7.42 14.17
N PRO A 149 -10.38 -8.18 13.96
CA PRO A 149 -11.64 -7.67 13.46
C PRO A 149 -12.11 -6.46 14.28
N GLY A 150 -12.39 -5.36 13.61
CA GLY A 150 -12.90 -4.18 14.26
C GLY A 150 -11.88 -3.31 14.93
N ASP A 151 -10.64 -3.76 15.07
CA ASP A 151 -9.62 -2.97 15.76
C ASP A 151 -9.23 -1.77 14.88
N PRO A 152 -9.33 -0.54 15.37
CA PRO A 152 -8.91 0.59 14.48
C PRO A 152 -7.41 0.76 14.33
N ARG A 153 -6.58 0.11 15.10
CA ARG A 153 -5.14 0.30 14.97
C ARG A 153 -4.66 -0.04 13.57
N ASP A 154 -3.82 0.79 12.99
CA ASP A 154 -3.11 0.44 11.75
C ASP A 154 -4.08 0.19 10.59
N THR A 155 -5.11 1.02 10.48
CA THR A 155 -6.16 0.93 9.51
C THR A 155 -6.25 2.19 8.67
N THR A 156 -6.93 1.98 7.52
CA THR A 156 -7.45 3.08 6.70
C THR A 156 -8.67 2.59 5.96
N THR A 157 -9.28 3.42 5.16
CA THR A 157 -10.41 3.03 4.30
C THR A 157 -9.94 2.95 2.87
N PRO A 158 -10.63 2.15 2.05
CA PRO A 158 -10.25 2.12 0.62
C PRO A 158 -10.33 3.48 -0.04
N ARG A 159 -11.36 4.26 0.21
CA ARG A 159 -11.47 5.57 -0.40
CA ARG A 159 -11.46 5.55 -0.43
C ARG A 159 -10.31 6.47 -0.03
N ALA A 160 -9.99 6.53 1.25
CA ALA A 160 -8.90 7.38 1.72
C ALA A 160 -7.58 6.97 1.10
N MET A 161 -7.30 5.69 1.05
CA MET A 161 -6.02 5.24 0.51
CA MET A 161 -6.01 5.25 0.52
C MET A 161 -5.94 5.47 -0.97
N ALA A 162 -7.05 5.30 -1.70
CA ALA A 162 -7.00 5.60 -3.13
C ALA A 162 -6.76 7.09 -3.38
N GLN A 163 -7.42 7.97 -2.65
N GLN A 163 -7.44 7.94 -2.64
CA GLN A 163 -7.21 9.41 -2.83
CA GLN A 163 -7.26 9.39 -2.75
C GLN A 163 -5.78 9.77 -2.53
C GLN A 163 -5.82 9.76 -2.51
N THR A 164 -5.24 9.20 -1.46
CA THR A 164 -3.85 9.48 -1.13
C THR A 164 -2.89 8.91 -2.16
N LEU A 165 -3.08 7.69 -2.63
CA LEU A 165 -2.17 7.13 -3.60
C LEU A 165 -2.21 7.96 -4.87
N ARG A 166 -3.40 8.45 -5.27
CA ARG A 166 -3.49 9.37 -6.39
C ARG A 166 -2.67 10.65 -6.17
N GLN A 167 -2.84 11.28 -5.00
CA GLN A 167 -2.09 12.50 -4.65
C GLN A 167 -0.57 12.26 -4.69
N LEU A 168 -0.12 11.10 -4.27
CA LEU A 168 1.30 10.82 -4.16
C LEU A 168 1.97 10.51 -5.50
N THR A 169 1.23 9.87 -6.41
CA THR A 169 1.82 9.37 -7.62
C THR A 169 1.42 10.11 -8.88
N LEU A 170 0.23 10.61 -8.97
CA LEU A 170 -0.24 11.37 -10.14
C LEU A 170 -0.43 12.84 -9.82
N GLY A 171 -0.72 13.16 -8.59
CA GLY A 171 -0.79 14.54 -8.10
C GLY A 171 0.55 15.01 -7.63
N HIS A 172 0.49 16.04 -6.76
CA HIS A 172 1.70 16.74 -6.35
C HIS A 172 1.85 16.83 -4.82
N ALA A 173 1.41 15.82 -4.09
CA ALA A 173 1.72 15.75 -2.66
C ALA A 173 3.21 15.72 -2.41
N LEU A 174 3.96 15.17 -3.34
CA LEU A 174 5.40 15.16 -3.36
C LEU A 174 5.94 16.07 -4.44
N GLY A 175 7.16 16.50 -4.25
CA GLY A 175 7.87 17.23 -5.29
C GLY A 175 8.14 16.39 -6.52
N GLU A 176 8.57 17.04 -7.59
CA GLU A 176 8.66 16.39 -8.88
C GLU A 176 9.58 15.19 -8.89
N THR A 177 10.81 15.37 -8.46
CA THR A 177 11.76 14.26 -8.40
C THR A 177 11.28 13.14 -7.50
N GLN A 178 10.68 13.52 -6.40
CA GLN A 178 10.18 12.58 -5.39
C GLN A 178 9.02 11.74 -5.87
N ARG A 179 8.06 12.37 -6.54
N ARG A 179 8.05 12.36 -6.55
CA ARG A 179 6.93 11.67 -7.14
CA ARG A 179 6.91 11.58 -7.07
C ARG A 179 7.45 10.61 -8.11
C ARG A 179 7.38 10.65 -8.18
N ALA A 180 8.33 11.09 -9.00
CA ALA A 180 8.89 10.16 -9.99
C ALA A 180 9.59 8.97 -9.32
N GLN A 181 10.32 9.23 -8.26
CA GLN A 181 11.00 8.18 -7.53
C GLN A 181 9.98 7.20 -6.92
N LEU A 182 8.92 7.69 -6.35
CA LEU A 182 7.91 6.78 -5.76
C LEU A 182 7.31 5.92 -6.84
N VAL A 183 7.00 6.52 -7.99
CA VAL A 183 6.44 5.74 -9.09
C VAL A 183 7.43 4.70 -9.54
N THR A 184 8.72 5.03 -9.66
CA THR A 184 9.74 4.04 -10.06
C THR A 184 9.76 2.88 -9.10
N TRP A 185 9.73 3.15 -7.79
CA TRP A 185 9.73 2.09 -6.79
C TRP A 185 8.51 1.18 -6.93
N LEU A 186 7.33 1.80 -6.99
CA LEU A 186 6.10 1.04 -7.07
C LEU A 186 6.05 0.16 -8.32
N LYS A 187 6.50 0.72 -9.41
CA LYS A 187 6.47 -0.02 -10.70
C LYS A 187 7.35 -1.26 -10.63
N GLY A 188 8.43 -1.21 -9.88
CA GLY A 188 9.38 -2.30 -9.78
C GLY A 188 9.05 -3.31 -8.71
N ASN A 189 7.89 -3.22 -8.06
CA ASN A 189 7.53 -4.17 -7.00
C ASN A 189 7.66 -5.60 -7.48
N THR A 190 8.17 -6.46 -6.61
CA THR A 190 8.36 -7.89 -6.95
C THR A 190 7.30 -8.78 -6.35
N THR A 191 6.42 -8.28 -5.46
CA THR A 191 5.54 -9.16 -4.68
C THR A 191 4.09 -9.19 -5.19
N GLY A 192 3.81 -8.53 -6.30
CA GLY A 192 2.42 -8.28 -6.73
C GLY A 192 1.87 -9.12 -7.82
N ALA A 193 2.59 -10.15 -8.28
CA ALA A 193 2.16 -10.81 -9.51
C ALA A 193 0.81 -11.51 -9.42
N ALA A 194 0.44 -11.97 -8.24
CA ALA A 194 -0.79 -12.75 -8.05
C ALA A 194 -1.95 -11.87 -7.60
N SER A 195 -1.74 -10.58 -7.37
CA SER A 195 -2.75 -9.70 -6.80
C SER A 195 -3.37 -8.84 -7.91
N ILE A 196 -3.48 -7.51 -7.77
CA ILE A 196 -4.13 -6.70 -8.79
C ILE A 196 -3.57 -6.97 -10.20
N ARG A 197 -2.28 -7.06 -10.32
CA ARG A 197 -1.65 -7.25 -11.65
C ARG A 197 -2.23 -8.46 -12.36
N ALA A 198 -2.55 -9.54 -11.60
CA ALA A 198 -3.02 -10.74 -12.26
C ALA A 198 -4.40 -10.57 -12.86
N GLY A 199 -5.17 -9.58 -12.44
CA GLY A 199 -6.47 -9.33 -13.00
C GLY A 199 -6.57 -8.29 -14.08
N LEU A 200 -5.48 -7.67 -14.49
CA LEU A 200 -5.50 -6.57 -15.44
C LEU A 200 -4.92 -6.97 -16.78
N PRO A 201 -5.38 -6.28 -17.86
CA PRO A 201 -4.82 -6.47 -19.19
C PRO A 201 -3.32 -6.28 -19.04
N THR A 202 -2.68 -7.14 -19.78
CA THR A 202 -1.26 -7.38 -19.63
C THR A 202 -0.44 -6.24 -20.20
N SER A 203 -1.10 -5.44 -21.06
CA SER A 203 -0.37 -4.33 -21.66
C SER A 203 -0.36 -3.10 -20.78
N TRP A 204 -1.02 -3.16 -19.63
CA TRP A 204 -1.06 -2.00 -18.73
C TRP A 204 0.17 -1.90 -17.87
N THR A 205 0.64 -0.70 -17.61
CA THR A 205 1.71 -0.47 -16.62
C THR A 205 1.14 -0.32 -15.25
N VAL A 206 1.72 -0.96 -14.22
CA VAL A 206 1.20 -0.96 -12.89
C VAL A 206 2.29 -0.69 -11.87
N GLY A 207 2.05 0.21 -10.95
CA GLY A 207 2.84 0.36 -9.73
C GLY A 207 1.97 -0.11 -8.57
N ASP A 208 2.49 -0.95 -7.69
CA ASP A 208 1.63 -1.45 -6.60
C ASP A 208 2.44 -1.75 -5.37
N LYS A 209 1.74 -1.85 -4.27
CA LYS A 209 2.25 -2.36 -3.02
C LYS A 209 1.22 -3.32 -2.38
N THR A 210 1.65 -4.55 -2.16
CA THR A 210 0.85 -5.57 -1.48
C THR A 210 0.92 -5.44 0.02
N GLY A 211 0.02 -6.11 0.71
CA GLY A 211 0.11 -6.38 2.12
C GLY A 211 -0.55 -7.68 2.52
N SER A 212 -0.11 -8.21 3.65
CA SER A 212 -0.63 -9.46 4.12
C SER A 212 -0.52 -9.47 5.65
N GLY A 213 -1.43 -10.14 6.33
CA GLY A 213 -1.43 -10.15 7.79
C GLY A 213 -2.29 -11.28 8.33
N ASP A 214 -2.47 -11.26 9.61
CA ASP A 214 -3.36 -12.20 10.26
C ASP A 214 -4.79 -12.00 9.78
N TYR A 215 -5.69 -12.93 10.16
CA TYR A 215 -7.04 -12.97 9.68
C TYR A 215 -7.09 -13.05 8.15
N GLY A 216 -6.08 -13.72 7.57
CA GLY A 216 -5.98 -13.88 6.12
C GLY A 216 -6.08 -12.59 5.36
N THR A 217 -5.58 -11.50 5.99
CA THR A 217 -5.66 -10.19 5.38
C THR A 217 -4.75 -10.16 4.16
N THR A 218 -5.32 -9.74 3.04
CA THR A 218 -4.66 -9.77 1.76
C THR A 218 -5.05 -8.48 1.03
N ASN A 219 -4.03 -7.63 0.78
CA ASN A 219 -4.27 -6.27 0.33
C ASN A 219 -3.39 -5.92 -0.87
N ASP A 220 -3.80 -4.94 -1.64
CA ASP A 220 -2.95 -4.40 -2.72
C ASP A 220 -3.45 -3.00 -3.03
N ILE A 221 -2.54 -2.09 -3.30
CA ILE A 221 -2.87 -0.71 -3.74
C ILE A 221 -2.05 -0.42 -4.98
N ALA A 222 -2.67 0.17 -5.99
CA ALA A 222 -2.02 0.29 -7.26
C ALA A 222 -2.34 1.58 -8.00
N VAL A 223 -1.38 2.10 -8.75
CA VAL A 223 -1.55 3.10 -9.76
C VAL A 223 -1.36 2.41 -11.10
N ILE A 224 -2.27 2.65 -12.02
CA ILE A 224 -2.40 1.87 -13.26
C ILE A 224 -2.49 2.82 -14.45
N TRP A 225 -1.72 2.47 -15.47
CA TRP A 225 -1.73 3.23 -16.73
C TRP A 225 -2.25 2.30 -17.82
N PRO A 226 -3.54 2.34 -18.11
CA PRO A 226 -4.05 1.62 -19.24
C PRO A 226 -3.51 2.09 -20.55
N GLN A 227 -3.65 1.19 -21.54
CA GLN A 227 -3.23 1.48 -22.91
C GLN A 227 -4.23 2.51 -23.42
N GLY A 228 -3.74 3.71 -23.77
CA GLY A 228 -4.65 4.58 -24.50
C GLY A 228 -5.66 5.42 -23.81
N ARG A 229 -5.59 5.43 -22.45
CA ARG A 229 -6.55 6.25 -21.72
C ARG A 229 -5.96 6.67 -20.38
N ALA A 230 -6.62 7.55 -19.68
CA ALA A 230 -6.03 8.18 -18.48
C ALA A 230 -5.77 7.14 -17.40
N PRO A 231 -4.79 7.37 -16.52
CA PRO A 231 -4.51 6.39 -15.45
C PRO A 231 -5.64 6.32 -14.44
N LEU A 232 -5.49 5.26 -13.64
CA LEU A 232 -6.46 4.83 -12.60
C LEU A 232 -5.68 4.62 -11.31
N VAL A 233 -6.39 4.69 -10.20
CA VAL A 233 -5.90 4.23 -8.93
C VAL A 233 -6.88 3.20 -8.38
N LEU A 234 -6.32 2.07 -7.91
CA LEU A 234 -7.19 1.00 -7.43
C LEU A 234 -6.64 0.49 -6.10
N VAL A 235 -7.51 0.43 -5.11
N VAL A 235 -7.53 0.40 -5.13
CA VAL A 235 -7.26 -0.14 -3.79
CA VAL A 235 -7.11 -0.25 -3.89
C VAL A 235 -8.14 -1.38 -3.66
C VAL A 235 -8.12 -1.35 -3.57
N THR A 236 -7.54 -2.49 -3.23
CA THR A 236 -8.30 -3.71 -2.91
C THR A 236 -7.83 -4.25 -1.56
N TYR A 237 -8.71 -4.24 -0.54
CA TYR A 237 -8.40 -4.72 0.79
C TYR A 237 -9.30 -5.90 1.07
N PHE A 238 -8.76 -6.92 1.73
CA PHE A 238 -9.58 -8.10 2.00
C PHE A 238 -9.17 -8.70 3.33
N THR A 239 -10.12 -9.08 4.17
CA THR A 239 -9.78 -9.70 5.46
C THR A 239 -10.86 -10.72 5.80
N GLN A 240 -10.56 -11.63 6.65
CA GLN A 240 -11.40 -12.82 6.89
C GLN A 240 -11.72 -13.01 8.36
N PRO A 241 -12.72 -13.85 8.72
CA PRO A 241 -13.14 -13.89 10.11
C PRO A 241 -12.27 -14.64 11.10
N GLN A 242 -11.39 -15.52 10.68
CA GLN A 242 -10.62 -16.39 11.54
C GLN A 242 -9.14 -16.07 11.45
N GLN A 243 -8.46 -16.04 12.61
CA GLN A 243 -7.09 -15.59 12.73
CA GLN A 243 -7.12 -15.49 12.65
C GLN A 243 -6.11 -16.22 11.76
N ASN A 244 -6.23 -17.53 11.55
CA ASN A 244 -5.23 -18.27 10.78
C ASN A 244 -5.73 -18.52 9.36
N ALA A 245 -6.71 -17.75 8.85
CA ALA A 245 -7.17 -17.89 7.47
C ALA A 245 -6.00 -17.75 6.51
N GLU A 246 -6.06 -18.50 5.41
CA GLU A 246 -5.04 -18.40 4.36
CA GLU A 246 -5.12 -18.45 4.29
C GLU A 246 -5.18 -17.17 3.47
N SER A 247 -4.05 -16.82 2.87
CA SER A 247 -4.06 -15.68 1.96
C SER A 247 -5.03 -15.87 0.79
N ARG A 248 -5.55 -14.81 0.25
CA ARG A 248 -6.46 -14.91 -0.93
C ARG A 248 -6.10 -13.84 -1.95
N ARG A 249 -4.89 -13.91 -2.45
CA ARG A 249 -4.47 -12.95 -3.50
C ARG A 249 -5.36 -13.07 -4.71
N ASP A 250 -5.85 -14.27 -5.04
CA ASP A 250 -6.80 -14.39 -6.16
C ASP A 250 -8.03 -13.55 -6.04
N VAL A 251 -8.52 -13.27 -4.81
CA VAL A 251 -9.69 -12.42 -4.62
C VAL A 251 -9.37 -11.02 -5.14
N LEU A 252 -8.15 -10.55 -4.88
CA LEU A 252 -7.75 -9.21 -5.33
C LEU A 252 -7.66 -9.17 -6.87
N ALA A 253 -7.11 -10.25 -7.44
CA ALA A 253 -7.03 -10.36 -8.90
C ALA A 253 -8.45 -10.33 -9.49
N SER A 254 -9.35 -11.09 -8.85
CA SER A 254 -10.72 -11.09 -9.32
C SER A 254 -11.40 -9.76 -9.19
N ALA A 255 -11.14 -9.00 -8.12
CA ALA A 255 -11.69 -7.66 -7.98
C ALA A 255 -11.16 -6.73 -9.07
N ALA A 256 -9.87 -6.82 -9.36
CA ALA A 256 -9.28 -6.01 -10.44
C ALA A 256 -9.91 -6.37 -11.78
N ARG A 257 -10.14 -7.65 -12.06
CA ARG A 257 -10.76 -8.05 -13.32
C ARG A 257 -12.16 -7.47 -13.46
N ILE A 258 -12.93 -7.52 -12.41
CA ILE A 258 -14.26 -6.93 -12.40
C ILE A 258 -14.18 -5.42 -12.69
N ILE A 259 -13.33 -4.72 -11.95
CA ILE A 259 -13.25 -3.27 -12.08
C ILE A 259 -12.79 -2.86 -13.46
N ALA A 260 -11.97 -3.70 -14.13
CA ALA A 260 -11.41 -3.34 -15.43
C ALA A 260 -12.42 -3.43 -16.56
N GLU A 261 -13.48 -4.17 -16.32
CA GLU A 261 -14.50 -4.27 -17.38
C GLU A 261 -15.07 -2.94 -17.80
N GLY A 262 -15.13 -2.66 -19.08
CA GLY A 262 -15.65 -1.33 -19.41
C GLY A 262 -14.63 -0.21 -19.19
N LEU A 263 -13.35 -0.51 -19.17
CA LEU A 263 -12.21 0.38 -19.03
C LEU A 263 -11.09 0.05 -20.00
C1 GLC B . 11.68 -1.93 16.10
C2 GLC B . 10.60 -2.49 17.02
C3 GLC B . 11.19 -2.72 18.41
C4 GLC B . 12.38 -3.64 18.26
C5 GLC B . 13.46 -3.11 17.36
C6 GLC B . 14.72 -3.87 17.06
O2 GLC B . 9.52 -1.56 17.08
O3 GLC B . 10.14 -3.25 19.21
O4 GLC B . 12.89 -3.95 19.58
O5 GLC B . 12.81 -2.86 16.05
O6 GLC B . 14.46 -5.10 16.40
C1 FRU B . 10.97 0.81 15.11
C2 FRU B . 12.33 0.37 15.61
C3 FRU B . 13.19 1.46 16.28
C4 FRU B . 14.57 0.90 16.07
C5 FRU B . 14.46 0.36 14.61
C6 FRU B . 15.36 -0.82 14.31
O1 FRU B . 11.05 1.92 14.26
O2 FRU B . 12.12 -0.69 16.61
O3 FRU B . 12.86 1.62 17.67
O4 FRU B . 15.55 1.95 16.16
O5 FRU B . 13.08 -0.09 14.52
O6 FRU B . 15.22 -1.28 12.99
S SO4 C . -5.89 12.37 14.49
O1 SO4 C . -5.67 13.30 15.60
O2 SO4 C . -6.96 11.41 14.90
O3 SO4 C . -4.72 11.57 14.08
O4 SO4 C . -6.31 13.11 13.29
S SO4 D . 3.45 -8.68 1.42
S SO4 D . 3.53 -8.45 1.53
O1 SO4 D . 3.77 -7.74 2.52
O1 SO4 D . 4.00 -8.10 2.89
O2 SO4 D . 2.10 -8.49 0.88
O2 SO4 D . 3.62 -7.30 0.67
O3 SO4 D . 3.46 -10.06 1.99
O3 SO4 D . 2.14 -8.99 1.56
O4 SO4 D . 4.51 -8.62 0.41
O4 SO4 D . 4.44 -9.54 1.08
S SO4 E . -8.17 14.96 -1.88
O1 SO4 E . -8.69 13.77 -1.22
O2 SO4 E . -7.55 14.64 -3.16
O3 SO4 E . -7.17 15.68 -1.06
O4 SO4 E . -9.24 15.94 -2.15
S SO4 F . -12.02 12.92 3.42
O1 SO4 F . -12.20 11.77 4.30
O2 SO4 F . -13.13 12.99 2.43
O3 SO4 F . -10.73 12.77 2.74
O4 SO4 F . -11.98 14.18 4.23
S SO4 G . 15.81 17.64 -6.93
O1 SO4 G . 15.66 17.36 -8.37
O2 SO4 G . 16.48 18.91 -6.69
O3 SO4 G . 16.61 16.54 -6.34
O4 SO4 G . 14.49 17.70 -6.23
S SO4 H . -3.10 -16.98 -3.17
O1 SO4 H . -2.96 -16.07 -2.02
O2 SO4 H . -4.22 -16.63 -4.06
O3 SO4 H . -3.39 -18.34 -2.70
O4 SO4 H . -1.84 -17.04 -3.98
S SO4 I . 22.15 -5.19 -2.33
S SO4 I . 21.10 -6.61 -1.94
O1 SO4 I . 21.11 -5.15 -1.29
O1 SO4 I . 21.07 -5.37 -1.13
O2 SO4 I . 23.48 -5.02 -1.68
O2 SO4 I . 22.08 -7.54 -1.33
O3 SO4 I . 22.11 -4.01 -3.27
O3 SO4 I . 21.56 -6.27 -3.31
O4 SO4 I . 22.25 -6.47 -3.03
O4 SO4 I . 19.70 -7.20 -2.05
S SO4 J . 10.76 -0.18 -16.86
S SO4 J . 9.08 1.78 -18.30
O1 SO4 J . 11.22 0.80 -15.86
O1 SO4 J . 9.57 2.86 -17.42
O2 SO4 J . 10.41 0.53 -18.12
O2 SO4 J . 9.49 2.13 -19.71
O3 SO4 J . 9.61 -0.84 -16.23
O3 SO4 J . 7.61 1.59 -18.23
O4 SO4 J . 11.79 -1.17 -17.24
O4 SO4 J . 9.66 0.47 -17.94
#